data_3TEB
#
_entry.id   3TEB
#
_cell.length_a   206.915
_cell.length_b   206.915
_cell.length_c   89.271
_cell.angle_alpha   90.000
_cell.angle_beta   90.000
_cell.angle_gamma   120.000
#
_symmetry.space_group_name_H-M   'P 63 2 2'
#
loop_
_entity.id
_entity.type
_entity.pdbx_description
1 polymer Endonuclease/exonuclease/phosphatase
2 non-polymer 'MAGNESIUM ION'
3 water water
#
_entity_poly.entity_id   1
_entity_poly.type   'polypeptide(L)'
_entity_poly.pdbx_seq_one_letter_code
;SNA(MSE)KILTVNVHAWLEENQ(MSE)EKIDILARTIAEKQYDVIA(MSE)QEVNQL(MSE)NNKIIFDDIREENYAWV
LLETLQKYTDTDYYLHWSNSHIGFGKYNEGVAVITRHKIKAEDEFYCTFAQSVRTISARRIVSITINYEGQDIEFYSCH
(MSE)NLPNCETED(MSE)GKNIQTILNRTQNSNLKIL(MSE)GDFNTDAIGNVAAYENILSQGLFDTYV(MSE)AEKKD
DGITVDKSIHGWDNDKAKKRLDYIFSNKELKVKESKVIFNNKNKEIVSDHFGIEVKIEF
;
_entity_poly.pdbx_strand_id   A,B
#
# COMPACT_ATOMS: atom_id res chain seq x y z
N ALA A 3 24.95 13.26 -22.03
CA ALA A 3 24.20 12.31 -22.93
C ALA A 3 23.63 11.11 -22.14
N LYS A 5 20.35 8.01 -22.38
CA LYS A 5 19.28 7.35 -23.13
C LYS A 5 18.29 6.64 -22.20
N ILE A 6 17.02 6.95 -22.40
CA ILE A 6 15.92 6.47 -21.58
C ILE A 6 14.98 5.59 -22.43
N LEU A 7 14.39 4.55 -21.82
CA LEU A 7 13.36 3.72 -22.47
C LEU A 7 12.18 3.50 -21.53
N THR A 8 10.97 3.55 -22.06
CA THR A 8 9.77 3.20 -21.30
C THR A 8 8.91 2.22 -22.08
N VAL A 9 8.40 1.19 -21.42
CA VAL A 9 7.65 0.16 -22.12
C VAL A 9 6.68 -0.57 -21.20
N ASN A 10 5.42 -0.56 -21.60
CA ASN A 10 4.38 -1.36 -20.94
C ASN A 10 4.55 -2.78 -21.44
N VAL A 11 4.94 -3.70 -20.57
CA VAL A 11 5.44 -4.98 -21.09
C VAL A 11 4.40 -6.08 -21.19
N HIS A 12 3.19 -5.77 -20.74
CA HIS A 12 2.09 -6.71 -20.71
C HIS A 12 2.59 -8.07 -20.21
N ALA A 13 3.30 -8.06 -19.09
CA ALA A 13 4.03 -9.24 -18.60
C ALA A 13 3.23 -10.54 -18.43
N TRP A 14 3.68 -11.60 -19.11
CA TRP A 14 3.11 -12.97 -19.01
C TRP A 14 1.67 -13.07 -19.53
N LEU A 15 1.33 -12.15 -20.43
CA LEU A 15 0.01 -12.10 -21.03
C LEU A 15 0.20 -11.98 -22.53
N GLU A 16 1.44 -12.23 -22.96
CA GLU A 16 1.78 -12.18 -24.36
C GLU A 16 2.01 -13.58 -24.92
N GLU A 17 1.56 -13.79 -26.15
CA GLU A 17 1.91 -15.01 -26.85
C GLU A 17 3.38 -14.90 -27.22
N ASN A 18 4.05 -16.04 -27.30
CA ASN A 18 5.45 -16.08 -27.65
C ASN A 18 6.33 -15.35 -26.64
N GLN A 19 6.01 -15.49 -25.37
CA GLN A 19 6.57 -14.67 -24.30
C GLN A 19 8.09 -14.72 -24.16
N GLU A 21 10.56 -15.50 -26.32
CA GLU A 21 11.26 -14.83 -27.40
C GLU A 21 11.15 -13.31 -27.22
N LYS A 22 9.97 -12.85 -26.83
CA LYS A 22 9.73 -11.42 -26.64
C LYS A 22 10.60 -10.84 -25.52
N ILE A 23 10.66 -11.54 -24.38
CA ILE A 23 11.64 -11.22 -23.33
C ILE A 23 13.04 -11.15 -23.95
N ASP A 24 13.42 -12.16 -24.71
CA ASP A 24 14.75 -12.20 -25.28
C ASP A 24 15.04 -11.00 -26.18
N ILE A 25 14.09 -10.63 -27.04
CA ILE A 25 14.17 -9.42 -27.87
C ILE A 25 14.45 -8.20 -26.99
N LEU A 26 13.64 -8.04 -25.95
CA LEU A 26 13.76 -6.90 -25.06
C LEU A 26 15.14 -6.87 -24.43
N ALA A 27 15.56 -7.99 -23.84
CA ALA A 27 16.87 -8.11 -23.21
C ALA A 27 18.01 -7.77 -24.17
N ARG A 28 18.09 -8.46 -25.31
CA ARG A 28 19.08 -8.17 -26.36
C ARG A 28 19.20 -6.70 -26.74
N THR A 29 18.05 -6.02 -26.78
CA THR A 29 17.99 -4.62 -27.17
C THR A 29 18.61 -3.77 -26.10
N ILE A 30 18.09 -3.87 -24.88
CA ILE A 30 18.65 -3.16 -23.74
C ILE A 30 20.18 -3.36 -23.72
N ALA A 31 20.62 -4.59 -24.00
CA ALA A 31 22.03 -4.91 -24.04
C ALA A 31 22.84 -4.09 -25.05
N GLU A 32 22.33 -3.95 -26.27
CA GLU A 32 23.02 -3.19 -27.32
C GLU A 32 23.03 -1.72 -26.98
N LYS A 33 21.88 -1.22 -26.55
CA LYS A 33 21.64 0.21 -26.41
C LYS A 33 22.21 0.80 -25.13
N GLN A 34 22.34 -0.05 -24.12
CA GLN A 34 22.95 0.32 -22.84
C GLN A 34 22.17 1.42 -22.15
N TYR A 35 20.85 1.38 -22.21
CA TYR A 35 20.02 2.40 -21.60
C TYR A 35 20.43 2.72 -20.16
N ASP A 36 20.35 3.99 -19.79
CA ASP A 36 20.64 4.39 -18.43
C ASP A 36 19.50 4.01 -17.51
N VAL A 37 18.27 4.19 -17.98
CA VAL A 37 17.10 3.92 -17.16
C VAL A 37 15.98 3.27 -17.99
N ILE A 38 15.47 2.14 -17.52
CA ILE A 38 14.31 1.51 -18.16
C ILE A 38 13.10 1.59 -17.23
N ALA A 39 12.01 2.17 -17.71
CA ALA A 39 10.78 2.23 -16.93
C ALA A 39 9.78 1.22 -17.51
N GLN A 41 5.89 -0.88 -17.07
CA GLN A 41 4.57 -1.01 -16.48
C GLN A 41 3.96 -2.38 -16.82
N GLU A 42 2.89 -2.71 -16.12
CA GLU A 42 2.23 -4.02 -16.25
C GLU A 42 3.31 -5.12 -16.09
N VAL A 43 4.10 -5.03 -15.03
CA VAL A 43 5.10 -6.03 -14.70
C VAL A 43 4.45 -6.98 -13.70
N ASN A 44 4.35 -8.25 -14.05
CA ASN A 44 3.55 -9.20 -13.25
C ASN A 44 4.39 -10.30 -12.61
N GLN A 45 3.87 -10.81 -11.50
CA GLN A 45 4.38 -12.02 -10.88
C GLN A 45 3.22 -12.84 -10.30
N LEU A 46 3.41 -14.15 -10.19
CA LEU A 46 2.39 -15.02 -9.65
C LEU A 46 2.28 -14.89 -8.14
N ASN A 48 1.31 -16.79 -6.06
CA ASN A 48 1.55 -18.02 -5.35
C ASN A 48 2.99 -18.53 -5.36
N ASN A 49 3.85 -17.94 -6.20
CA ASN A 49 5.27 -18.29 -6.25
C ASN A 49 6.03 -17.89 -4.99
N LYS A 50 7.18 -18.50 -4.71
CA LYS A 50 7.99 -18.15 -3.51
C LYS A 50 8.64 -16.80 -3.68
N ILE A 51 8.72 -16.07 -2.58
CA ILE A 51 9.61 -14.92 -2.52
C ILE A 51 11.05 -15.31 -2.87
N ILE A 52 11.70 -14.51 -3.72
CA ILE A 52 13.14 -14.58 -3.89
C ILE A 52 13.76 -13.72 -2.80
N PHE A 53 13.28 -12.48 -2.70
CA PHE A 53 13.75 -11.49 -1.72
C PHE A 53 12.83 -10.28 -1.79
N ASP A 54 12.86 -9.46 -0.73
CA ASP A 54 11.95 -8.34 -0.55
C ASP A 54 10.52 -8.81 -0.79
N ASP A 55 9.90 -8.25 -1.82
CA ASP A 55 8.53 -8.55 -2.21
C ASP A 55 8.49 -9.22 -3.59
N ILE A 56 9.65 -9.60 -4.11
CA ILE A 56 9.75 -10.16 -5.45
C ILE A 56 9.64 -11.69 -5.44
N ARG A 57 8.67 -12.20 -6.20
CA ARG A 57 8.42 -13.65 -6.25
C ARG A 57 9.09 -14.26 -7.46
N GLU A 58 9.38 -15.56 -7.39
CA GLU A 58 9.99 -16.26 -8.51
C GLU A 58 9.22 -16.00 -9.80
N GLU A 59 9.98 -15.84 -10.86
CA GLU A 59 9.46 -15.63 -12.22
C GLU A 59 8.77 -14.26 -12.40
N ASN A 60 8.97 -13.33 -11.47
CA ASN A 60 8.64 -11.93 -11.70
C ASN A 60 9.25 -11.49 -13.05
N TYR A 61 8.41 -10.92 -13.91
CA TYR A 61 8.82 -10.65 -15.28
C TYR A 61 10.11 -9.85 -15.35
N ALA A 62 10.18 -8.82 -14.52
CA ALA A 62 11.33 -7.91 -14.46
C ALA A 62 12.59 -8.64 -14.03
N TRP A 63 12.47 -9.44 -12.98
CA TRP A 63 13.59 -10.24 -12.52
C TRP A 63 14.08 -11.18 -13.61
N VAL A 64 13.16 -11.84 -14.32
CA VAL A 64 13.54 -12.72 -15.43
C VAL A 64 14.27 -11.91 -16.51
N LEU A 65 13.70 -10.75 -16.86
CA LEU A 65 14.33 -9.86 -17.82
C LEU A 65 15.78 -9.61 -17.47
N LEU A 66 16.00 -9.17 -16.24
CA LEU A 66 17.32 -8.96 -15.71
C LEU A 66 18.25 -10.16 -15.83
N GLU A 67 17.78 -11.36 -15.45
CA GLU A 67 18.63 -12.55 -15.56
C GLU A 67 18.97 -12.87 -17.00
N THR A 68 18.04 -12.57 -17.91
CA THR A 68 18.27 -12.74 -19.35
C THR A 68 19.25 -11.69 -19.85
N LEU A 69 19.11 -10.48 -19.31
CA LEU A 69 19.99 -9.39 -19.69
C LEU A 69 21.44 -9.75 -19.41
N GLN A 70 21.67 -10.48 -18.32
CA GLN A 70 23.02 -10.88 -17.91
C GLN A 70 23.68 -11.79 -18.91
N LYS A 71 22.88 -12.36 -19.80
CA LYS A 71 23.36 -13.28 -20.83
C LYS A 71 24.07 -12.53 -21.93
N TYR A 72 23.72 -11.26 -22.10
CA TYR A 72 24.20 -10.46 -23.22
C TYR A 72 25.08 -9.27 -22.86
N THR A 73 25.17 -8.92 -21.58
CA THR A 73 25.98 -7.77 -21.12
C THR A 73 26.62 -8.06 -19.79
N ASP A 74 27.82 -7.51 -19.59
CA ASP A 74 28.50 -7.56 -18.31
C ASP A 74 28.02 -6.43 -17.39
N THR A 75 27.41 -5.40 -17.97
CA THR A 75 26.97 -4.22 -17.20
C THR A 75 25.98 -4.57 -16.09
N ASP A 76 26.30 -4.11 -14.88
CA ASP A 76 25.44 -4.31 -13.72
C ASP A 76 24.15 -3.51 -13.87
N TYR A 77 23.03 -4.21 -13.87
CA TYR A 77 21.74 -3.54 -13.82
C TYR A 77 21.03 -3.75 -12.49
N TYR A 78 20.27 -2.76 -12.06
CA TYR A 78 19.60 -2.89 -10.78
C TYR A 78 18.09 -2.79 -10.94
N LEU A 79 17.36 -3.59 -10.17
CA LEU A 79 15.92 -3.68 -10.31
C LEU A 79 15.20 -3.11 -9.09
N HIS A 80 14.19 -2.28 -9.34
CA HIS A 80 13.33 -1.79 -8.27
C HIS A 80 11.89 -1.96 -8.72
N TRP A 81 11.12 -2.68 -7.93
CA TRP A 81 9.78 -3.07 -8.34
C TRP A 81 8.81 -2.82 -7.23
N SER A 82 7.56 -2.58 -7.59
CA SER A 82 6.53 -2.41 -6.60
C SER A 82 5.20 -2.92 -7.07
N ASN A 83 4.52 -3.66 -6.20
CA ASN A 83 3.21 -4.21 -6.52
C ASN A 83 2.13 -3.14 -6.41
N SER A 84 1.14 -3.14 -7.31
CA SER A 84 0.02 -2.17 -7.26
C SER A 84 -1.24 -2.79 -6.72
N HIS A 85 -1.70 -3.85 -7.38
CA HIS A 85 -2.97 -4.50 -7.07
C HIS A 85 -2.98 -5.93 -7.64
N ILE A 86 -3.96 -6.72 -7.22
CA ILE A 86 -4.27 -8.01 -7.84
C ILE A 86 -4.65 -7.81 -9.31
N GLY A 87 -3.94 -8.46 -10.22
CA GLY A 87 -4.13 -8.14 -11.63
C GLY A 87 -5.02 -9.06 -12.43
N PHE A 88 -4.52 -9.46 -13.59
CA PHE A 88 -5.15 -10.45 -14.41
C PHE A 88 -4.84 -11.82 -13.82
N GLY A 89 -5.83 -12.71 -13.82
CA GLY A 89 -5.64 -14.08 -13.35
C GLY A 89 -5.27 -14.11 -11.88
N LYS A 90 -4.12 -14.72 -11.60
CA LYS A 90 -3.57 -14.73 -10.26
C LYS A 90 -2.22 -14.02 -10.23
N TYR A 91 -2.13 -12.86 -10.88
CA TYR A 91 -0.92 -12.07 -10.86
C TYR A 91 -0.97 -10.85 -9.91
N ASN A 92 0.20 -10.47 -9.40
CA ASN A 92 0.38 -9.15 -8.84
C ASN A 92 0.81 -8.25 -9.99
N GLU A 93 0.15 -7.12 -10.14
CA GLU A 93 0.51 -6.15 -11.17
C GLU A 93 1.29 -5.01 -10.54
N GLY A 94 2.40 -4.62 -11.15
CA GLY A 94 3.19 -3.55 -10.59
C GLY A 94 3.95 -2.81 -11.65
N VAL A 95 4.88 -1.96 -11.22
CA VAL A 95 5.72 -1.22 -12.15
C VAL A 95 7.13 -1.45 -11.72
N ALA A 96 8.09 -1.21 -12.61
CA ALA A 96 9.48 -1.36 -12.22
C ALA A 96 10.36 -0.33 -12.89
N VAL A 97 11.59 -0.22 -12.41
CA VAL A 97 12.62 0.57 -13.04
C VAL A 97 13.88 -0.26 -13.02
N ILE A 98 14.56 -0.35 -14.15
CA ILE A 98 15.89 -0.94 -14.18
C ILE A 98 16.90 0.16 -14.41
N THR A 99 18.09 0.05 -13.83
CA THR A 99 19.09 1.08 -14.04
C THR A 99 20.52 0.59 -14.04
N ARG A 100 21.32 1.25 -14.89
CA ARG A 100 22.77 1.08 -14.98
C ARG A 100 23.49 1.77 -13.84
N HIS A 101 22.83 2.76 -13.24
CA HIS A 101 23.41 3.61 -12.20
C HIS A 101 23.00 3.21 -10.80
N LYS A 102 23.90 3.44 -9.85
CA LYS A 102 23.56 3.30 -8.43
C LYS A 102 22.69 4.48 -7.99
N ILE A 103 21.96 4.34 -6.89
CA ILE A 103 20.94 5.34 -6.54
C ILE A 103 21.07 5.96 -5.13
N LYS A 104 20.55 7.18 -4.97
CA LYS A 104 20.54 7.90 -3.68
C LYS A 104 19.27 7.62 -2.90
N ALA A 105 18.16 7.39 -3.61
CA ALA A 105 16.85 7.22 -2.98
C ALA A 105 15.94 6.33 -3.83
N GLU A 106 14.92 5.77 -3.21
CA GLU A 106 13.95 4.91 -3.87
C GLU A 106 12.65 5.08 -3.14
N ASP A 107 11.55 5.21 -3.86
CA ASP A 107 10.26 5.26 -3.20
C ASP A 107 9.26 4.43 -3.97
N GLU A 108 8.30 3.89 -3.21
CA GLU A 108 7.18 3.13 -3.73
C GLU A 108 5.98 3.69 -2.99
N PHE A 109 5.00 4.20 -3.73
CA PHE A 109 3.83 4.81 -3.09
C PHE A 109 2.64 4.86 -4.03
N TYR A 110 1.45 5.03 -3.47
CA TYR A 110 0.24 5.15 -4.26
C TYR A 110 0.05 6.57 -4.71
N CYS A 111 -0.12 6.76 -6.01
CA CYS A 111 -0.49 8.07 -6.53
C CYS A 111 -2.02 8.22 -6.64
N THR A 112 -2.76 7.19 -6.27
CA THR A 112 -4.20 7.21 -6.41
C THR A 112 -4.91 7.31 -5.06
N PHE A 113 -6.18 7.68 -5.09
CA PHE A 113 -6.99 7.63 -3.88
C PHE A 113 -7.17 6.18 -3.41
N ALA A 114 -7.53 5.29 -4.34
CA ALA A 114 -7.59 3.86 -4.07
C ALA A 114 -6.20 3.35 -3.72
N GLN A 115 -6.12 2.56 -2.65
CA GLN A 115 -4.85 2.00 -2.19
C GLN A 115 -4.99 0.56 -1.72
N SER A 116 -6.06 -0.10 -2.15
CA SER A 116 -6.30 -1.49 -1.79
C SER A 116 -5.89 -2.40 -2.93
N VAL A 117 -5.11 -3.45 -2.65
CA VAL A 117 -4.69 -4.38 -3.69
C VAL A 117 -5.88 -5.08 -4.35
N ARG A 118 -7.06 -4.93 -3.76
CA ARG A 118 -8.28 -5.50 -4.31
C ARG A 118 -9.03 -4.59 -5.28
N THR A 119 -8.42 -3.50 -5.71
CA THR A 119 -9.07 -2.55 -6.63
C THR A 119 -8.19 -2.32 -7.82
N ILE A 120 -8.75 -2.49 -9.00
CA ILE A 120 -8.01 -2.36 -10.25
C ILE A 120 -7.40 -0.96 -10.37
N SER A 121 -8.07 0.04 -9.81
CA SER A 121 -7.62 1.42 -9.97
C SER A 121 -6.58 1.91 -8.95
N ALA A 122 -6.19 1.07 -8.00
CA ALA A 122 -5.08 1.40 -7.11
C ALA A 122 -3.76 1.30 -7.86
N ARG A 123 -3.00 2.38 -7.91
CA ARG A 123 -1.76 2.37 -8.66
C ARG A 123 -0.59 2.88 -7.86
N ARG A 124 0.41 2.04 -7.69
CA ARG A 124 1.62 2.39 -6.96
C ARG A 124 2.67 2.88 -7.98
N ILE A 125 3.47 3.88 -7.60
CA ILE A 125 4.53 4.43 -8.45
C ILE A 125 5.89 4.02 -7.91
N VAL A 126 6.86 3.85 -8.80
CA VAL A 126 8.22 3.61 -8.34
C VAL A 126 9.09 4.79 -8.74
N SER A 127 9.77 5.39 -7.76
CA SER A 127 10.72 6.44 -8.06
C SER A 127 12.13 6.05 -7.68
N ILE A 128 13.07 6.67 -8.38
CA ILE A 128 14.48 6.42 -8.24
C ILE A 128 15.22 7.77 -8.25
N THR A 129 16.20 7.96 -7.38
CA THR A 129 17.03 9.16 -7.45
C THR A 129 18.49 8.83 -7.85
N ILE A 130 18.91 9.34 -8.99
CA ILE A 130 20.27 9.16 -9.45
C ILE A 130 20.98 10.48 -9.36
N ASN A 131 22.19 10.44 -8.81
CA ASN A 131 23.09 11.57 -8.91
C ASN A 131 23.84 11.44 -10.22
N TYR A 132 23.62 12.41 -11.11
CA TYR A 132 24.24 12.39 -12.43
C TYR A 132 24.86 13.73 -12.78
N GLU A 133 26.16 13.69 -13.11
CA GLU A 133 26.93 14.88 -13.44
C GLU A 133 26.57 16.04 -12.51
N GLY A 134 26.78 15.81 -11.21
CA GLY A 134 26.54 16.82 -10.18
C GLY A 134 25.11 17.35 -10.07
N GLN A 135 24.13 16.53 -10.43
CA GLN A 135 22.71 16.87 -10.31
C GLN A 135 21.94 15.67 -9.82
N ASP A 136 20.95 15.88 -8.95
CA ASP A 136 20.04 14.80 -8.57
C ASP A 136 18.80 14.77 -9.47
N ILE A 137 18.58 13.63 -10.11
CA ILE A 137 17.42 13.42 -11.00
C ILE A 137 16.51 12.34 -10.45
N GLU A 138 15.21 12.60 -10.44
CA GLU A 138 14.23 11.62 -9.99
C GLU A 138 13.46 11.08 -11.16
N PHE A 139 13.44 9.75 -11.27
CA PHE A 139 12.75 9.03 -12.35
C PHE A 139 11.52 8.34 -11.80
N TYR A 140 10.38 8.47 -12.47
CA TYR A 140 9.14 7.89 -11.96
C TYR A 140 8.51 7.01 -13.00
N SER A 141 8.22 5.76 -12.64
CA SER A 141 7.54 4.82 -13.54
C SER A 141 6.05 4.80 -13.23
N CYS A 142 5.23 5.21 -14.20
CA CYS A 142 3.82 5.45 -13.94
C CYS A 142 2.93 4.66 -14.86
N HIS A 143 1.83 4.18 -14.30
CA HIS A 143 0.77 3.56 -15.08
C HIS A 143 -0.58 4.01 -14.53
N ASN A 145 -4.77 5.43 -14.59
CA ASN A 145 -6.10 5.03 -15.00
C ASN A 145 -6.56 5.83 -16.21
N LEU A 146 -7.67 5.39 -16.82
CA LEU A 146 -8.30 6.16 -17.90
C LEU A 146 -8.68 7.54 -17.38
N PRO A 147 -8.57 8.57 -18.24
CA PRO A 147 -8.86 9.94 -17.81
C PRO A 147 -10.31 10.09 -17.35
N ASN A 148 -11.21 9.38 -18.01
CA ASN A 148 -12.63 9.46 -17.67
C ASN A 148 -13.03 8.64 -16.44
N CYS A 149 -12.07 7.92 -15.85
CA CYS A 149 -12.32 7.06 -14.68
C CYS A 149 -13.01 7.86 -13.58
N GLU A 150 -14.18 7.37 -13.16
CA GLU A 150 -15.07 8.16 -12.32
C GLU A 150 -14.73 8.22 -10.83
N THR A 151 -13.71 7.48 -10.40
CA THR A 151 -13.30 7.53 -8.99
C THR A 151 -11.89 8.05 -8.79
N GLU A 152 -11.15 8.28 -9.87
CA GLU A 152 -9.84 8.93 -9.76
C GLU A 152 -9.75 10.21 -10.59
N ASP A 153 -9.21 11.26 -9.98
CA ASP A 153 -8.87 12.48 -10.70
C ASP A 153 -7.41 12.46 -11.15
N GLY A 155 -5.62 14.68 -12.57
CA GLY A 155 -4.92 15.87 -12.10
C GLY A 155 -4.35 15.67 -10.71
N LYS A 156 -5.22 15.41 -9.75
CA LYS A 156 -4.86 15.16 -8.36
C LYS A 156 -3.75 14.12 -8.24
N ASN A 157 -3.91 13.01 -8.96
CA ASN A 157 -2.95 11.93 -8.92
C ASN A 157 -1.55 12.38 -9.34
N ILE A 158 -1.49 13.11 -10.45
CA ILE A 158 -0.22 13.65 -10.93
C ILE A 158 0.38 14.61 -9.90
N GLN A 159 -0.47 15.46 -9.30
CA GLN A 159 -0.04 16.32 -8.20
C GLN A 159 0.59 15.50 -7.04
N THR A 160 -0.01 14.37 -6.67
CA THR A 160 0.60 13.50 -5.69
C THR A 160 2.01 13.06 -6.10
N ILE A 161 2.19 12.64 -7.35
CA ILE A 161 3.53 12.24 -7.80
C ILE A 161 4.48 13.41 -7.62
N LEU A 162 4.10 14.56 -8.19
CA LEU A 162 4.97 15.74 -8.21
C LEU A 162 5.28 16.28 -6.83
N ASN A 163 4.38 16.07 -5.87
CA ASN A 163 4.60 16.56 -4.51
C ASN A 163 5.22 15.57 -3.53
N ARG A 164 5.64 14.40 -4.01
CA ARG A 164 6.15 13.34 -3.13
C ARG A 164 7.45 13.76 -2.47
N THR A 165 8.36 14.32 -3.25
CA THR A 165 9.56 14.99 -2.69
C THR A 165 9.44 16.49 -2.87
N GLN A 166 9.85 17.22 -1.85
CA GLN A 166 9.76 18.67 -1.86
C GLN A 166 11.14 19.24 -2.11
N ASN A 167 11.50 19.38 -3.37
CA ASN A 167 12.79 19.94 -3.75
C ASN A 167 12.68 20.52 -5.14
N SER A 168 13.75 21.13 -5.62
CA SER A 168 13.75 21.63 -6.98
C SER A 168 14.62 20.74 -7.84
N ASN A 169 14.32 19.44 -7.80
CA ASN A 169 15.01 18.46 -8.61
C ASN A 169 14.36 18.26 -9.95
N LEU A 170 15.17 17.91 -10.95
CA LEU A 170 14.61 17.47 -12.22
C LEU A 170 13.87 16.16 -11.97
N LYS A 171 12.60 16.17 -12.31
CA LYS A 171 11.75 15.01 -12.16
C LYS A 171 11.38 14.52 -13.55
N ILE A 172 11.73 13.28 -13.86
CA ILE A 172 11.38 12.67 -15.14
C ILE A 172 10.40 11.53 -14.91
N LEU A 173 9.30 11.60 -15.64
CA LEU A 173 8.09 10.94 -15.25
C LEU A 173 7.58 10.13 -16.44
N GLY A 175 5.85 6.66 -18.51
CA GLY A 175 4.96 5.52 -18.60
C GLY A 175 3.63 5.66 -19.33
N ASP A 176 2.74 4.72 -19.00
CA ASP A 176 1.47 4.57 -19.69
C ASP A 176 0.43 5.44 -19.01
N PHE A 177 -0.07 6.44 -19.74
CA PHE A 177 -1.00 7.40 -19.16
C PHE A 177 -2.44 7.18 -19.59
N ASN A 178 -2.66 6.17 -20.44
CA ASN A 178 -3.98 5.86 -20.99
C ASN A 178 -4.71 7.06 -21.58
N THR A 179 -3.96 7.92 -22.26
CA THR A 179 -4.51 9.16 -22.80
C THR A 179 -3.98 9.46 -24.19
N ASP A 180 -4.87 9.54 -25.16
CA ASP A 180 -4.47 9.79 -26.53
C ASP A 180 -4.24 11.26 -26.78
N ALA A 181 -2.98 11.61 -27.09
CA ALA A 181 -2.59 12.98 -27.43
C ALA A 181 -3.28 13.49 -28.69
N ILE A 182 -3.76 12.56 -29.50
CA ILE A 182 -4.46 12.87 -30.74
C ILE A 182 -5.98 12.92 -30.53
N GLY A 183 -6.56 11.83 -29.98
CA GLY A 183 -8.01 11.71 -29.73
C GLY A 183 -8.54 12.59 -28.60
N ASN A 184 -8.17 12.27 -27.36
CA ASN A 184 -8.56 13.09 -26.22
C ASN A 184 -7.52 14.16 -25.88
N VAL A 185 -7.60 15.28 -26.59
CA VAL A 185 -6.64 16.38 -26.45
C VAL A 185 -6.85 17.13 -25.14
N ALA A 186 -8.10 17.32 -24.76
CA ALA A 186 -8.44 18.05 -23.54
C ALA A 186 -7.89 17.37 -22.28
N ALA A 187 -7.85 16.04 -22.30
CA ALA A 187 -7.31 15.27 -21.19
C ALA A 187 -5.77 15.24 -21.22
N TYR A 188 -5.19 15.36 -22.41
CA TYR A 188 -3.74 15.41 -22.55
C TYR A 188 -3.23 16.79 -22.19
N GLU A 189 -4.00 17.81 -22.56
CA GLU A 189 -3.73 19.19 -22.18
C GLU A 189 -3.73 19.28 -20.65
N ASN A 190 -4.78 18.74 -20.04
CA ASN A 190 -4.87 18.63 -18.58
C ASN A 190 -3.60 18.07 -17.91
N ILE A 191 -3.03 17.02 -18.49
CA ILE A 191 -1.77 16.45 -17.98
C ILE A 191 -0.75 17.57 -17.88
N LEU A 192 -0.51 18.26 -18.99
CA LEU A 192 0.51 19.30 -19.06
C LEU A 192 0.27 20.49 -18.12
N SER A 193 -1.01 20.84 -17.93
CA SER A 193 -1.44 21.85 -16.94
C SER A 193 -0.86 21.63 -15.55
N GLN A 194 -0.40 20.41 -15.28
CA GLN A 194 0.12 20.08 -13.96
C GLN A 194 1.57 20.54 -13.79
N GLY A 195 2.10 21.21 -14.80
CA GLY A 195 3.48 21.69 -14.79
C GLY A 195 4.39 20.66 -15.41
N LEU A 196 3.99 20.14 -16.57
CA LEU A 196 4.72 19.09 -17.25
C LEU A 196 5.06 19.44 -18.68
N PHE A 197 6.26 19.03 -19.08
CA PHE A 197 6.74 19.20 -20.45
C PHE A 197 6.89 17.82 -21.10
N ASP A 198 6.45 17.71 -22.34
CA ASP A 198 6.41 16.45 -23.07
C ASP A 198 7.62 16.32 -23.98
N THR A 199 8.51 15.38 -23.68
CA THR A 199 9.76 15.21 -24.46
C THR A 199 9.54 14.89 -25.93
N TYR A 200 8.41 14.29 -26.26
CA TYR A 200 8.07 14.08 -27.67
C TYR A 200 8.03 15.42 -28.40
N VAL A 201 7.26 16.36 -27.85
CA VAL A 201 7.10 17.69 -28.43
C VAL A 201 8.43 18.45 -28.47
N ALA A 203 11.39 17.34 -28.65
CA ALA A 203 12.47 16.62 -29.33
C ALA A 203 12.95 17.29 -30.62
N GLU A 204 14.26 17.25 -30.86
CA GLU A 204 14.84 17.75 -32.12
C GLU A 204 14.48 16.86 -33.31
N LYS A 205 14.60 15.55 -33.14
CA LYS A 205 14.14 14.57 -34.13
C LYS A 205 13.07 13.68 -33.53
N LYS A 206 12.02 13.40 -34.29
CA LYS A 206 10.93 12.52 -33.85
C LYS A 206 10.27 11.82 -35.03
N ASP A 207 9.65 10.69 -34.73
CA ASP A 207 8.78 10.00 -35.69
C ASP A 207 7.34 10.38 -35.36
N ASP A 208 6.37 9.67 -35.95
CA ASP A 208 4.94 9.94 -35.73
C ASP A 208 4.46 9.76 -34.28
N GLY A 209 5.22 9.00 -33.50
CA GLY A 209 5.02 8.88 -32.07
C GLY A 209 3.96 7.91 -31.59
N ILE A 210 3.35 7.16 -32.51
CA ILE A 210 2.32 6.17 -32.21
C ILE A 210 2.85 5.05 -31.30
N THR A 211 2.18 4.82 -30.16
CA THR A 211 2.60 3.74 -29.23
C THR A 211 1.67 2.54 -29.14
N VAL A 212 0.43 2.70 -29.58
CA VAL A 212 -0.51 1.58 -29.63
C VAL A 212 -1.11 1.56 -31.02
N ASP A 213 -1.11 0.38 -31.64
CA ASP A 213 -1.65 0.19 -32.99
C ASP A 213 -2.57 -1.03 -32.95
N LYS A 214 -3.82 -0.85 -33.32
CA LYS A 214 -4.76 -1.98 -33.34
C LYS A 214 -5.16 -2.41 -34.76
N SER A 215 -4.21 -3.00 -35.50
CA SER A 215 -4.46 -3.47 -36.85
C SER A 215 -5.12 -4.85 -36.84
N ASP A 222 -5.75 5.21 -39.83
CA ASP A 222 -5.40 6.03 -38.68
C ASP A 222 -6.48 5.95 -37.58
N LYS A 223 -7.62 5.36 -37.95
CA LYS A 223 -8.75 5.09 -37.06
C LYS A 223 -8.34 4.60 -35.65
N ALA A 224 -7.36 3.70 -35.59
CA ALA A 224 -6.96 3.05 -34.34
C ALA A 224 -5.46 3.18 -34.02
N LYS A 225 -4.90 4.35 -34.33
CA LYS A 225 -3.51 4.63 -34.01
C LYS A 225 -3.40 5.70 -32.92
N LYS A 226 -2.75 5.36 -31.81
CA LYS A 226 -2.77 6.21 -30.64
C LYS A 226 -1.39 6.48 -30.04
N ARG A 227 -1.30 7.55 -29.27
CA ARG A 227 -0.11 7.84 -28.49
C ARG A 227 -0.56 7.91 -27.02
N LEU A 228 -0.33 6.81 -26.30
CA LEU A 228 -0.84 6.63 -24.95
C LEU A 228 0.25 6.65 -23.90
N ASP A 229 1.48 6.36 -24.35
CA ASP A 229 2.66 6.30 -23.50
C ASP A 229 3.46 7.60 -23.64
N TYR A 230 4.11 8.03 -22.56
CA TYR A 230 4.86 9.28 -22.59
C TYR A 230 6.12 9.29 -21.76
N ILE A 231 6.94 10.31 -22.00
CA ILE A 231 8.00 10.68 -21.08
C ILE A 231 7.88 12.20 -20.83
N PHE A 232 7.39 12.56 -19.65
CA PHE A 232 7.20 13.95 -19.25
C PHE A 232 8.37 14.41 -18.38
N SER A 233 8.47 15.72 -18.24
CA SER A 233 9.54 16.37 -17.51
C SER A 233 8.93 17.53 -16.73
N ASN A 234 9.48 17.86 -15.57
CA ASN A 234 9.00 19.03 -14.80
C ASN A 234 9.74 20.30 -15.17
N LYS A 235 10.77 20.14 -16.00
CA LYS A 235 11.57 21.24 -16.49
C LYS A 235 11.71 21.06 -17.98
N GLU A 236 12.04 22.14 -18.69
CA GLU A 236 12.34 22.10 -20.10
C GLU A 236 13.71 21.48 -20.30
N LEU A 237 13.83 20.61 -21.30
CA LEU A 237 15.07 19.85 -21.50
C LEU A 237 15.58 19.96 -22.91
N LYS A 238 16.86 19.62 -23.08
CA LYS A 238 17.45 19.51 -24.40
C LYS A 238 17.30 18.05 -24.83
N VAL A 239 16.31 17.82 -25.69
CA VAL A 239 15.90 16.47 -26.10
C VAL A 239 16.31 16.24 -27.56
N LYS A 240 17.38 15.48 -27.76
CA LYS A 240 17.94 15.28 -29.08
C LYS A 240 17.05 14.43 -30.01
N GLU A 241 16.35 13.44 -29.43
CA GLU A 241 15.57 12.46 -30.19
C GLU A 241 14.47 11.76 -29.38
N SER A 242 13.35 11.42 -30.02
CA SER A 242 12.32 10.63 -29.39
C SER A 242 11.71 9.63 -30.37
N LYS A 243 12.22 8.40 -30.38
CA LYS A 243 11.68 7.38 -31.28
C LYS A 243 10.80 6.36 -30.57
N VAL A 244 9.88 5.77 -31.34
CA VAL A 244 9.14 4.60 -30.89
C VAL A 244 10.01 3.39 -31.19
N ILE A 245 9.89 2.36 -30.36
CA ILE A 245 10.67 1.14 -30.52
C ILE A 245 9.78 -0.09 -30.23
N PHE A 246 10.18 -1.24 -30.78
CA PHE A 246 9.44 -2.51 -30.68
C PHE A 246 8.10 -2.45 -31.37
N ASN A 247 8.13 -2.02 -32.63
CA ASN A 247 6.92 -1.81 -33.42
C ASN A 247 7.02 -2.46 -34.79
N ASN A 248 7.82 -3.52 -34.87
CA ASN A 248 8.22 -4.20 -36.12
C ASN A 248 8.88 -3.34 -37.18
N LYS A 249 9.12 -2.07 -36.87
CA LYS A 249 9.88 -1.16 -37.73
C LYS A 249 11.25 -0.93 -37.10
N ASN A 250 11.29 -0.21 -35.98
CA ASN A 250 12.47 -0.12 -35.15
C ASN A 250 12.39 -1.23 -34.09
N LYS A 251 12.88 -2.42 -34.44
CA LYS A 251 12.87 -3.61 -33.55
C LYS A 251 11.52 -4.34 -33.47
N GLU A 252 11.58 -5.66 -33.26
CA GLU A 252 10.39 -6.52 -33.18
C GLU A 252 9.43 -6.25 -31.99
N ILE A 253 8.14 -6.59 -32.14
CA ILE A 253 7.10 -6.35 -31.13
C ILE A 253 7.30 -7.22 -29.87
N VAL A 254 7.23 -6.63 -28.67
CA VAL A 254 7.41 -7.40 -27.42
C VAL A 254 6.24 -7.29 -26.45
N SER A 255 5.25 -6.47 -26.80
CA SER A 255 4.09 -6.27 -25.96
C SER A 255 2.86 -5.91 -26.78
N ASP A 256 1.79 -5.48 -26.11
CA ASP A 256 0.63 -4.93 -26.80
C ASP A 256 0.71 -3.39 -26.91
N HIS A 257 1.78 -2.83 -26.35
CA HIS A 257 2.16 -1.41 -26.51
C HIS A 257 3.55 -1.42 -27.10
N PHE A 258 3.90 -0.38 -27.88
CA PHE A 258 5.30 -0.18 -28.27
C PHE A 258 5.98 0.70 -27.23
N GLY A 259 7.31 0.67 -27.23
CA GLY A 259 8.07 1.44 -26.25
C GLY A 259 8.55 2.76 -26.81
N ILE A 260 8.86 3.70 -25.92
CA ILE A 260 9.44 4.99 -26.30
C ILE A 260 10.86 5.03 -25.81
N GLU A 261 11.71 5.56 -26.68
CA GLU A 261 13.12 5.60 -26.49
C GLU A 261 13.56 7.05 -26.73
N VAL A 262 14.11 7.68 -25.70
CA VAL A 262 14.39 9.11 -25.71
C VAL A 262 15.85 9.39 -25.36
N LYS A 263 16.47 10.32 -26.09
CA LYS A 263 17.84 10.75 -25.79
C LYS A 263 17.91 12.19 -25.25
N ILE A 264 18.46 12.36 -24.05
CA ILE A 264 18.56 13.67 -23.39
C ILE A 264 20.01 14.00 -23.15
N GLU A 265 20.40 15.25 -23.35
CA GLU A 265 21.72 15.66 -22.88
C GLU A 265 21.71 16.84 -21.92
N PHE A 266 22.57 16.73 -20.90
CA PHE A 266 22.76 17.78 -19.90
C PHE A 266 24.15 17.69 -19.25
N ALA B 3 -27.19 -1.25 22.16
CA ALA B 3 -26.46 -1.95 23.29
C ALA B 3 -25.21 -2.67 22.72
N LYS B 5 -21.38 -3.89 22.02
CA LYS B 5 -20.11 -4.26 22.61
C LYS B 5 -19.01 -4.37 21.55
N ILE B 6 -17.88 -3.69 21.76
CA ILE B 6 -16.76 -3.81 20.83
C ILE B 6 -15.43 -4.21 21.50
N LEU B 7 -14.50 -4.74 20.72
CA LEU B 7 -13.24 -5.25 21.24
C LEU B 7 -12.06 -4.94 20.34
N THR B 8 -10.96 -4.45 20.92
CA THR B 8 -9.72 -4.27 20.20
C THR B 8 -8.64 -5.13 20.81
N VAL B 9 -7.80 -5.73 20.01
CA VAL B 9 -6.66 -6.47 20.55
C VAL B 9 -5.50 -6.57 19.58
N ASN B 10 -4.32 -6.24 20.05
CA ASN B 10 -3.13 -6.49 19.27
C ASN B 10 -2.74 -7.94 19.52
N VAL B 11 -2.72 -8.78 18.48
CA VAL B 11 -2.59 -10.23 18.70
C VAL B 11 -1.20 -10.87 18.48
N HIS B 12 -0.20 -10.06 18.14
CA HIS B 12 1.18 -10.56 18.02
C HIS B 12 1.18 -11.93 17.35
N ALA B 13 0.52 -12.02 16.19
CA ALA B 13 0.21 -13.32 15.53
C ALA B 13 1.42 -14.16 15.20
N TRP B 14 1.34 -15.44 15.58
CA TRP B 14 2.38 -16.44 15.33
C TRP B 14 3.75 -16.12 15.95
N LEU B 15 3.75 -15.27 16.97
CA LEU B 15 5.00 -14.94 17.66
C LEU B 15 4.86 -15.18 19.15
N GLU B 16 3.67 -15.60 19.56
CA GLU B 16 3.39 -16.02 20.92
C GLU B 16 3.69 -17.51 21.09
N GLU B 17 3.85 -17.94 22.33
CA GLU B 17 3.97 -19.36 22.65
C GLU B 17 2.59 -19.94 23.00
N ASN B 18 2.41 -21.24 22.73
CA ASN B 18 1.07 -21.88 22.75
C ASN B 18 0.10 -21.07 21.92
N GLN B 19 0.53 -20.73 20.70
CA GLN B 19 -0.25 -19.85 19.85
C GLN B 19 -1.66 -20.37 19.63
N GLU B 21 -3.52 -22.41 21.42
CA GLU B 21 -4.32 -22.32 22.62
C GLU B 21 -4.82 -20.90 22.83
N LYS B 22 -3.90 -19.93 22.76
CA LYS B 22 -4.25 -18.51 22.85
C LYS B 22 -5.39 -18.20 21.88
N ILE B 23 -5.25 -18.68 20.64
CA ILE B 23 -6.30 -18.51 19.63
C ILE B 23 -7.63 -19.13 20.08
N ASP B 24 -7.57 -20.25 20.79
CA ASP B 24 -8.78 -20.86 21.35
C ASP B 24 -9.45 -19.99 22.43
N ILE B 25 -8.65 -19.52 23.40
CA ILE B 25 -9.08 -18.57 24.42
C ILE B 25 -9.84 -17.40 23.78
N LEU B 26 -9.20 -16.77 22.79
CA LEU B 26 -9.76 -15.63 22.10
C LEU B 26 -11.11 -15.97 21.51
N ALA B 27 -11.17 -17.07 20.75
CA ALA B 27 -12.40 -17.51 20.11
C ALA B 27 -13.55 -17.81 21.09
N ARG B 28 -13.30 -18.65 22.10
CA ARG B 28 -14.30 -18.97 23.15
C ARG B 28 -14.86 -17.71 23.78
N THR B 29 -14.01 -16.71 23.92
CA THR B 29 -14.40 -15.46 24.58
C THR B 29 -15.29 -14.63 23.68
N ILE B 30 -14.94 -14.54 22.41
CA ILE B 30 -15.76 -13.82 21.45
C ILE B 30 -17.16 -14.41 21.40
N ALA B 31 -17.23 -15.74 21.45
CA ALA B 31 -18.49 -16.46 21.35
C ALA B 31 -19.41 -16.22 22.54
N GLU B 32 -18.84 -16.02 23.73
CA GLU B 32 -19.66 -15.69 24.89
C GLU B 32 -20.18 -14.27 24.79
N LYS B 33 -19.28 -13.34 24.50
CA LYS B 33 -19.55 -11.91 24.49
C LYS B 33 -20.41 -11.46 23.30
N GLN B 34 -20.31 -12.20 22.19
CA GLN B 34 -21.02 -11.89 20.96
C GLN B 34 -20.76 -10.44 20.50
N TYR B 35 -19.49 -10.04 20.42
CA TYR B 35 -19.13 -8.67 20.08
C TYR B 35 -19.68 -8.28 18.72
N ASP B 36 -20.01 -7.00 18.59
CA ASP B 36 -20.48 -6.49 17.33
C ASP B 36 -19.29 -6.29 16.39
N VAL B 37 -18.19 -5.76 16.92
CA VAL B 37 -17.02 -5.48 16.09
C VAL B 37 -15.74 -5.86 16.82
N ILE B 38 -14.79 -6.50 16.13
CA ILE B 38 -13.47 -6.78 16.69
C ILE B 38 -12.41 -6.14 15.81
N ALA B 39 -11.56 -5.32 16.43
CA ALA B 39 -10.40 -4.75 15.77
C ALA B 39 -9.17 -5.52 16.23
N GLN B 41 -4.75 -6.05 15.56
CA GLN B 41 -3.51 -5.57 14.95
C GLN B 41 -2.39 -6.61 15.11
N GLU B 42 -1.27 -6.40 14.41
CA GLU B 42 -0.17 -7.37 14.34
C GLU B 42 -0.73 -8.76 13.90
N VAL B 43 -1.65 -8.75 12.92
CA VAL B 43 -2.29 -9.96 12.37
C VAL B 43 -1.52 -10.51 11.16
N ASN B 44 -0.79 -11.62 11.32
CA ASN B 44 0.18 -12.07 10.31
C ASN B 44 -0.19 -13.25 9.40
N GLN B 45 0.60 -13.39 8.35
CA GLN B 45 0.45 -14.42 7.32
C GLN B 45 1.83 -14.78 6.81
N LEU B 46 2.12 -16.05 6.59
CA LEU B 46 3.39 -16.37 5.91
C LEU B 46 3.30 -15.99 4.44
N ASN B 48 4.74 -16.92 1.96
CA ASN B 48 4.89 -18.03 1.04
C ASN B 48 3.75 -19.07 0.99
N ASN B 49 2.84 -19.03 1.96
CA ASN B 49 1.62 -19.82 1.91
C ASN B 49 0.73 -19.42 0.76
N LYS B 50 -0.05 -20.37 0.23
CA LYS B 50 -0.94 -20.11 -0.91
C LYS B 50 -2.07 -19.16 -0.54
N ILE B 51 -2.46 -18.32 -1.50
CA ILE B 51 -3.65 -17.49 -1.37
C ILE B 51 -4.90 -18.37 -1.19
N ILE B 52 -5.75 -18.03 -0.22
CA ILE B 52 -7.07 -18.66 -0.09
C ILE B 52 -8.05 -17.89 -0.94
N PHE B 53 -8.07 -16.57 -0.73
CA PHE B 53 -8.87 -15.67 -1.55
C PHE B 53 -8.41 -14.22 -1.32
N ASP B 54 -8.69 -13.37 -2.29
CA ASP B 54 -8.22 -12.00 -2.29
C ASP B 54 -6.74 -12.01 -1.96
N ASP B 55 -6.39 -11.32 -0.88
CA ASP B 55 -5.02 -11.23 -0.44
C ASP B 55 -4.68 -12.13 0.73
N ILE B 56 -5.61 -12.99 1.13
CA ILE B 56 -5.46 -13.74 2.36
C ILE B 56 -4.85 -15.12 2.08
N ARG B 57 -3.68 -15.36 2.67
CA ARG B 57 -2.94 -16.61 2.48
C ARG B 57 -3.31 -17.62 3.55
N GLU B 58 -3.10 -18.90 3.28
CA GLU B 58 -3.39 -19.94 4.26
C GLU B 58 -2.72 -19.63 5.60
N GLU B 59 -3.41 -20.02 6.66
CA GLU B 59 -2.93 -19.88 8.04
C GLU B 59 -2.71 -18.44 8.47
N ASN B 60 -3.51 -17.55 7.90
CA ASN B 60 -3.62 -16.17 8.33
C ASN B 60 -4.32 -16.17 9.68
N TYR B 61 -3.73 -15.52 10.65
CA TYR B 61 -4.27 -15.55 12.01
C TYR B 61 -5.78 -15.34 12.13
N ALA B 62 -6.29 -14.28 11.52
CA ALA B 62 -7.70 -13.94 11.67
C ALA B 62 -8.58 -14.97 10.98
N TRP B 63 -8.06 -15.56 9.91
CA TRP B 63 -8.77 -16.61 9.19
C TRP B 63 -8.88 -17.84 10.08
N VAL B 64 -7.79 -18.17 10.76
CA VAL B 64 -7.75 -19.32 11.65
C VAL B 64 -8.66 -19.06 12.84
N LEU B 65 -8.73 -17.81 13.25
CA LEU B 65 -9.58 -17.46 14.38
C LEU B 65 -11.03 -17.61 13.99
N LEU B 66 -11.35 -17.16 12.78
CA LEU B 66 -12.73 -17.23 12.30
C LEU B 66 -13.22 -18.67 12.15
N GLU B 67 -12.32 -19.59 11.81
CA GLU B 67 -12.64 -21.01 11.71
C GLU B 67 -12.77 -21.67 13.07
N THR B 68 -11.99 -21.21 14.05
CA THR B 68 -12.08 -21.71 15.40
C THR B 68 -13.37 -21.20 16.05
N LEU B 69 -13.86 -20.09 15.55
CA LEU B 69 -15.07 -19.50 16.05
C LEU B 69 -16.29 -20.37 15.78
N GLN B 70 -16.32 -20.98 14.59
CA GLN B 70 -17.41 -21.84 14.15
C GLN B 70 -17.76 -22.87 15.20
N LYS B 71 -16.71 -23.49 15.75
CA LYS B 71 -16.83 -24.52 16.79
C LYS B 71 -17.66 -24.08 17.99
N TYR B 72 -17.66 -22.78 18.28
CA TYR B 72 -18.30 -22.27 19.49
C TYR B 72 -19.54 -21.43 19.28
N THR B 73 -19.78 -20.95 18.06
CA THR B 73 -20.97 -20.14 17.79
C THR B 73 -21.45 -20.19 16.34
N ASP B 74 -22.77 -20.36 16.17
CA ASP B 74 -23.37 -20.41 14.84
C ASP B 74 -23.55 -19.01 14.21
N THR B 75 -23.16 -17.97 14.93
CA THR B 75 -23.29 -16.60 14.45
C THR B 75 -22.32 -16.35 13.31
N ASP B 76 -22.81 -15.69 12.27
CA ASP B 76 -22.01 -15.37 11.09
C ASP B 76 -21.17 -14.12 11.30
N TYR B 77 -19.85 -14.29 11.28
CA TYR B 77 -18.88 -13.19 11.37
C TYR B 77 -18.10 -13.00 10.08
N TYR B 78 -17.96 -11.76 9.65
CA TYR B 78 -17.27 -11.47 8.39
C TYR B 78 -15.92 -10.83 8.65
N LEU B 79 -14.94 -11.15 7.80
CA LEU B 79 -13.56 -10.70 7.98
C LEU B 79 -13.13 -9.66 6.93
N HIS B 80 -12.38 -8.65 7.37
CA HIS B 80 -11.66 -7.81 6.43
C HIS B 80 -10.23 -7.60 6.90
N TRP B 81 -9.28 -7.85 6.02
CA TRP B 81 -7.88 -7.84 6.40
C TRP B 81 -7.12 -7.00 5.41
N SER B 82 -6.05 -6.35 5.88
CA SER B 82 -5.19 -5.61 4.96
C SER B 82 -3.73 -5.73 5.30
N ASN B 83 -2.90 -5.89 4.28
CA ASN B 83 -1.47 -6.01 4.52
C ASN B 83 -0.84 -4.63 4.71
N SER B 84 0.11 -4.50 5.65
CA SER B 84 0.81 -3.21 5.82
C SER B 84 2.20 -3.26 5.24
N HIS B 85 2.99 -4.21 5.75
CA HIS B 85 4.40 -4.35 5.40
C HIS B 85 4.88 -5.75 5.73
N ILE B 86 5.98 -6.17 5.10
CA ILE B 86 6.65 -7.42 5.45
C ILE B 86 7.14 -7.34 6.90
N GLY B 87 6.99 -8.43 7.63
CA GLY B 87 7.48 -8.58 9.00
C GLY B 87 8.44 -9.75 9.10
N PHE B 88 9.62 -9.47 9.66
CA PHE B 88 10.67 -10.47 9.90
C PHE B 88 11.05 -11.29 8.67
N GLY B 89 11.04 -10.62 7.52
CA GLY B 89 11.30 -11.24 6.22
C GLY B 89 10.51 -12.51 5.98
N LYS B 90 9.33 -12.61 6.58
CA LYS B 90 8.65 -13.90 6.68
C LYS B 90 7.15 -13.73 6.52
N TYR B 91 6.62 -12.68 7.15
CA TYR B 91 5.18 -12.48 7.22
C TYR B 91 4.64 -11.30 6.44
N ASN B 92 3.36 -11.32 6.14
CA ASN B 92 2.64 -10.12 5.78
C ASN B 92 2.05 -9.61 7.08
N GLU B 93 2.53 -8.49 7.58
CA GLU B 93 1.96 -7.97 8.82
C GLU B 93 0.82 -7.01 8.50
N GLY B 94 -0.33 -7.21 9.14
CA GLY B 94 -1.52 -6.42 8.81
C GLY B 94 -2.50 -6.20 9.95
N VAL B 95 -3.65 -5.61 9.61
CA VAL B 95 -4.70 -5.38 10.59
C VAL B 95 -5.99 -5.93 10.03
N ALA B 96 -6.92 -6.21 10.93
CA ALA B 96 -8.19 -6.79 10.55
C ALA B 96 -9.35 -6.20 11.33
N VAL B 97 -10.52 -6.23 10.71
CA VAL B 97 -11.75 -5.98 11.43
C VAL B 97 -12.66 -7.14 11.17
N ILE B 98 -13.32 -7.59 12.24
CA ILE B 98 -14.29 -8.66 12.17
C ILE B 98 -15.62 -8.16 12.71
N THR B 99 -16.69 -8.42 11.96
CA THR B 99 -17.99 -7.98 12.41
C THR B 99 -19.08 -9.02 12.31
N ARG B 100 -20.09 -8.81 13.12
CA ARG B 100 -21.24 -9.66 13.23
C ARG B 100 -22.31 -9.13 12.29
N HIS B 101 -22.11 -7.94 11.74
CA HIS B 101 -23.13 -7.20 10.97
C HIS B 101 -22.85 -7.06 9.48
N LYS B 102 -23.90 -6.86 8.69
CA LYS B 102 -23.75 -6.56 7.26
C LYS B 102 -22.97 -5.26 7.05
N ILE B 103 -21.91 -5.32 6.24
CA ILE B 103 -21.14 -4.11 5.93
C ILE B 103 -21.71 -3.36 4.71
N LYS B 104 -21.90 -2.05 4.84
CA LYS B 104 -22.30 -1.19 3.73
C LYS B 104 -21.12 -0.83 2.84
N ALA B 105 -19.92 -0.81 3.43
CA ALA B 105 -18.71 -0.35 2.74
C ALA B 105 -17.48 -0.85 3.47
N GLU B 106 -16.37 -0.90 2.74
CA GLU B 106 -15.07 -1.36 3.24
C GLU B 106 -13.98 -0.54 2.56
N ASP B 107 -12.92 -0.21 3.30
CA ASP B 107 -11.77 0.46 2.70
C ASP B 107 -10.47 0.01 3.36
N GLU B 108 -9.38 0.03 2.62
CA GLU B 108 -8.04 -0.24 3.13
C GLU B 108 -7.15 0.81 2.53
N PHE B 109 -6.41 1.55 3.35
CA PHE B 109 -5.54 2.60 2.81
C PHE B 109 -4.39 2.86 3.78
N TYR B 110 -3.32 3.47 3.29
CA TYR B 110 -2.21 3.84 4.15
C TYR B 110 -2.53 5.13 4.86
N CYS B 111 -2.25 5.19 6.16
CA CYS B 111 -2.39 6.46 6.86
C CYS B 111 -1.05 7.13 6.99
N THR B 112 0.02 6.37 6.79
CA THR B 112 1.35 6.90 6.93
C THR B 112 1.84 7.53 5.63
N PHE B 113 2.90 8.33 5.72
CA PHE B 113 3.56 8.83 4.52
C PHE B 113 4.24 7.69 3.78
N ALA B 114 4.97 6.87 4.55
CA ALA B 114 5.59 5.64 4.08
C ALA B 114 4.52 4.70 3.54
N GLN B 115 4.76 4.13 2.37
CA GLN B 115 3.77 3.27 1.74
C GLN B 115 4.39 2.05 1.11
N SER B 116 5.70 1.88 1.24
CA SER B 116 6.32 0.68 0.73
C SER B 116 6.12 -0.49 1.66
N VAL B 117 5.92 -1.66 1.08
CA VAL B 117 5.78 -2.88 1.82
C VAL B 117 7.10 -3.26 2.52
N ARG B 118 8.17 -2.55 2.16
CA ARG B 118 9.51 -2.85 2.67
C ARG B 118 9.92 -2.04 3.89
N THR B 119 9.11 -1.05 4.26
CA THR B 119 9.36 -0.22 5.45
C THR B 119 8.46 -0.61 6.59
N ILE B 120 9.08 -0.96 7.72
CA ILE B 120 8.39 -1.29 8.96
C ILE B 120 7.40 -0.20 9.35
N SER B 121 7.70 1.04 9.00
CA SER B 121 6.87 2.14 9.44
C SER B 121 5.62 2.39 8.59
N ALA B 122 5.49 1.71 7.46
CA ALA B 122 4.33 1.89 6.59
C ALA B 122 3.17 1.15 7.22
N ARG B 123 2.06 1.84 7.40
CA ARG B 123 0.89 1.28 8.10
C ARG B 123 -0.40 1.42 7.33
N ARG B 124 -1.17 0.35 7.24
CA ARG B 124 -2.44 0.40 6.53
C ARG B 124 -3.59 0.33 7.52
N ILE B 125 -4.67 1.01 7.20
CA ILE B 125 -5.84 0.99 8.06
C ILE B 125 -6.91 0.18 7.35
N VAL B 126 -7.73 -0.51 8.12
CA VAL B 126 -8.90 -1.19 7.56
C VAL B 126 -10.11 -0.48 8.10
N SER B 127 -11.11 -0.25 7.26
CA SER B 127 -12.36 0.33 7.74
C SER B 127 -13.59 -0.39 7.24
N ILE B 128 -14.64 -0.23 8.03
CA ILE B 128 -15.86 -0.97 7.86
C ILE B 128 -16.99 0.00 8.17
N THR B 129 -18.01 0.06 7.32
CA THR B 129 -19.17 0.89 7.62
C THR B 129 -20.40 0.00 7.82
N ILE B 130 -21.07 0.21 8.95
CA ILE B 130 -22.22 -0.58 9.36
C ILE B 130 -23.43 0.31 9.57
N ASN B 131 -24.60 -0.13 9.15
CA ASN B 131 -25.83 0.52 9.58
C ASN B 131 -26.30 -0.05 10.89
N TYR B 132 -26.22 0.74 11.96
CA TYR B 132 -26.67 0.29 13.28
C TYR B 132 -27.72 1.25 13.84
N GLU B 133 -28.92 0.72 14.04
CA GLU B 133 -30.07 1.50 14.55
C GLU B 133 -30.22 2.86 13.82
N GLY B 134 -30.35 2.79 12.49
CA GLY B 134 -30.65 3.95 11.64
C GLY B 134 -29.57 5.01 11.55
N GLN B 135 -28.33 4.56 11.52
CA GLN B 135 -27.18 5.45 11.50
C GLN B 135 -26.00 4.65 10.97
N ASP B 136 -25.23 5.24 10.08
CA ASP B 136 -24.01 4.61 9.58
C ASP B 136 -22.87 4.92 10.54
N ILE B 137 -22.23 3.88 11.05
CA ILE B 137 -21.05 4.03 11.90
C ILE B 137 -19.86 3.44 11.19
N GLU B 138 -18.74 4.15 11.21
CA GLU B 138 -17.49 3.67 10.59
C GLU B 138 -16.48 3.27 11.64
N PHE B 139 -15.92 2.06 11.51
CA PHE B 139 -14.92 1.52 12.43
C PHE B 139 -13.59 1.39 11.75
N TYR B 140 -12.53 1.81 12.44
CA TYR B 140 -11.17 1.84 11.90
C TYR B 140 -10.20 1.08 12.78
N SER B 141 -9.46 0.15 12.18
CA SER B 141 -8.48 -0.60 12.94
C SER B 141 -7.08 -0.08 12.64
N CYS B 142 -6.40 0.38 13.69
CA CYS B 142 -5.20 1.20 13.52
C CYS B 142 -4.05 0.66 14.31
N HIS B 143 -2.87 0.72 13.72
CA HIS B 143 -1.66 0.39 14.43
C HIS B 143 -0.59 1.40 14.06
N ASN B 145 2.75 4.14 14.38
CA ASN B 145 4.16 4.13 14.75
C ASN B 145 4.33 4.71 16.15
N LEU B 146 5.56 4.71 16.66
CA LEU B 146 5.85 5.44 17.88
C LEU B 146 5.67 6.96 17.66
N PRO B 147 5.23 7.71 18.70
CA PRO B 147 4.92 9.14 18.53
C PRO B 147 6.17 9.96 18.19
N ASN B 148 7.33 9.49 18.64
CA ASN B 148 8.62 10.13 18.37
C ASN B 148 9.29 9.73 17.04
N CYS B 149 8.69 8.77 16.32
CA CYS B 149 9.21 8.26 15.04
C CYS B 149 9.53 9.43 14.12
N GLU B 150 10.78 9.53 13.69
CA GLU B 150 11.25 10.76 13.06
C GLU B 150 10.80 10.96 11.60
N THR B 151 10.05 10.00 11.07
CA THR B 151 9.57 10.10 9.68
C THR B 151 8.04 10.13 9.53
N GLU B 152 7.33 10.12 10.65
CA GLU B 152 5.88 10.13 10.64
C GLU B 152 5.32 11.10 11.65
N ASP B 153 4.50 12.04 11.18
CA ASP B 153 3.70 12.88 12.05
C ASP B 153 2.42 12.15 12.41
N GLY B 155 -0.12 13.20 14.06
CA GLY B 155 -1.23 14.07 13.72
C GLY B 155 -1.62 14.07 12.24
N LYS B 156 -0.65 14.22 11.34
CA LYS B 156 -0.91 14.10 9.91
C LYS B 156 -1.57 12.78 9.58
N ASN B 157 -1.06 11.70 10.19
CA ASN B 157 -1.62 10.38 9.99
C ASN B 157 -3.08 10.30 10.41
N ILE B 158 -3.37 10.70 11.65
CA ILE B 158 -4.76 10.68 12.15
C ILE B 158 -5.72 11.54 11.31
N GLN B 159 -5.23 12.68 10.84
CA GLN B 159 -6.00 13.47 9.90
C GLN B 159 -6.30 12.68 8.61
N THR B 160 -5.31 11.94 8.09
CA THR B 160 -5.56 11.10 6.93
C THR B 160 -6.71 10.13 7.23
N ILE B 161 -6.67 9.50 8.39
CA ILE B 161 -7.74 8.59 8.74
C ILE B 161 -9.09 9.33 8.77
N LEU B 162 -9.15 10.46 9.47
CA LEU B 162 -10.42 11.16 9.63
C LEU B 162 -10.97 11.80 8.38
N ASN B 163 -10.11 12.07 7.39
CA ASN B 163 -10.57 12.66 6.12
C ASN B 163 -10.76 11.67 4.98
N ARG B 164 -10.59 10.38 5.26
CA ARG B 164 -10.78 9.38 4.21
C ARG B 164 -12.21 9.45 3.68
N THR B 165 -13.18 9.57 4.58
CA THR B 165 -14.57 9.74 4.16
C THR B 165 -15.02 11.14 4.55
N GLN B 166 -15.57 11.86 3.57
CA GLN B 166 -16.10 13.20 3.77
C GLN B 166 -17.60 13.16 4.08
N ASN B 167 -17.93 12.93 5.35
CA ASN B 167 -19.32 12.90 5.81
C ASN B 167 -19.36 13.17 7.31
N SER B 168 -20.57 13.25 7.85
CA SER B 168 -20.72 13.48 9.30
C SER B 168 -21.11 12.20 10.08
N ASN B 169 -20.65 11.05 9.61
CA ASN B 169 -20.82 9.82 10.34
C ASN B 169 -19.98 9.80 11.63
N LEU B 170 -20.44 8.99 12.56
CA LEU B 170 -19.67 8.63 13.73
C LEU B 170 -18.52 7.70 13.32
N LYS B 171 -17.33 7.99 13.81
CA LYS B 171 -16.13 7.22 13.49
C LYS B 171 -15.46 6.75 14.75
N ILE B 172 -15.20 5.45 14.81
CA ILE B 172 -14.54 4.85 15.96
C ILE B 172 -13.16 4.38 15.51
N LEU B 173 -12.09 4.87 16.14
CA LEU B 173 -10.76 4.38 15.82
C LEU B 173 -10.30 3.46 16.92
N GLY B 175 -7.39 0.59 18.23
CA GLY B 175 -6.09 0.01 17.99
C GLY B 175 -4.93 0.40 18.90
N ASP B 176 -3.74 -0.03 18.48
CA ASP B 176 -2.49 0.26 19.17
C ASP B 176 -1.94 1.58 18.65
N PHE B 177 -1.93 2.58 19.53
CA PHE B 177 -1.46 3.92 19.17
C PHE B 177 -0.04 4.21 19.62
N ASN B 178 0.60 3.19 20.21
CA ASN B 178 1.98 3.26 20.70
C ASN B 178 2.32 4.50 21.52
N THR B 179 1.31 4.99 22.25
CA THR B 179 1.42 6.23 22.97
C THR B 179 0.93 5.99 24.37
N ASP B 180 1.81 6.13 25.35
CA ASP B 180 1.42 5.90 26.72
C ASP B 180 0.70 7.10 27.30
N ALA B 181 -0.55 6.85 27.67
CA ALA B 181 -1.44 7.89 28.18
C ALA B 181 -0.92 8.41 29.51
N ILE B 182 -0.35 7.52 30.31
CA ILE B 182 0.16 7.86 31.63
C ILE B 182 1.44 8.72 31.55
N GLY B 183 2.45 8.19 30.86
CA GLY B 183 3.78 8.77 30.87
C GLY B 183 4.16 9.69 29.70
N ASN B 184 3.32 9.75 28.67
CA ASN B 184 3.52 10.71 27.59
C ASN B 184 2.27 11.57 27.35
N VAL B 185 1.97 12.42 28.33
CA VAL B 185 0.75 13.19 28.26
C VAL B 185 0.72 14.09 27.02
N ALA B 186 1.84 14.78 26.74
CA ALA B 186 1.96 15.63 25.56
C ALA B 186 1.49 14.95 24.27
N ALA B 187 2.00 13.75 23.99
CA ALA B 187 1.62 13.02 22.79
C ALA B 187 0.18 12.51 22.85
N TYR B 188 -0.28 12.15 24.04
CA TYR B 188 -1.64 11.68 24.22
C TYR B 188 -2.65 12.80 23.99
N GLU B 189 -2.32 13.98 24.51
CA GLU B 189 -3.16 15.13 24.29
C GLU B 189 -3.16 15.54 22.83
N ASN B 190 -2.02 15.36 22.17
CA ASN B 190 -1.90 15.60 20.73
C ASN B 190 -2.90 14.77 19.93
N ILE B 191 -3.23 13.57 20.43
CA ILE B 191 -4.25 12.75 19.78
C ILE B 191 -5.65 13.36 19.94
N LEU B 192 -5.98 13.82 21.15
CA LEU B 192 -7.29 14.41 21.39
C LEU B 192 -7.53 15.63 20.50
N SER B 193 -6.49 16.45 20.34
CA SER B 193 -6.59 17.67 19.52
C SER B 193 -6.97 17.43 18.05
N GLN B 194 -6.77 16.21 17.57
CA GLN B 194 -7.19 15.85 16.22
C GLN B 194 -8.71 15.79 16.15
N GLY B 195 -9.35 15.82 17.32
CA GLY B 195 -10.81 15.85 17.38
C GLY B 195 -11.36 14.52 17.79
N LEU B 196 -10.69 13.89 18.77
CA LEU B 196 -11.04 12.56 19.21
C LEU B 196 -11.41 12.53 20.68
N PHE B 197 -12.34 11.65 21.03
CA PHE B 197 -12.72 11.45 22.42
C PHE B 197 -12.30 10.06 22.86
N ASP B 198 -11.70 9.97 24.04
CA ASP B 198 -11.24 8.70 24.56
C ASP B 198 -12.39 7.96 25.24
N THR B 199 -12.82 6.83 24.71
CA THR B 199 -13.90 6.11 25.36
C THR B 199 -13.58 5.64 26.77
N TYR B 200 -12.30 5.48 27.08
CA TYR B 200 -11.92 5.04 28.42
C TYR B 200 -12.33 6.12 29.41
N VAL B 201 -11.92 7.34 29.11
CA VAL B 201 -12.20 8.48 29.98
C VAL B 201 -13.72 8.73 30.06
N ALA B 203 -16.19 6.62 29.82
CA ALA B 203 -16.96 5.50 30.31
C ALA B 203 -17.38 5.67 31.76
N GLU B 204 -18.64 5.34 32.05
CA GLU B 204 -19.18 5.40 33.40
C GLU B 204 -18.47 4.48 34.39
N LYS B 205 -18.06 3.28 33.95
CA LYS B 205 -17.29 2.32 34.80
C LYS B 205 -16.02 1.90 34.09
N LYS B 206 -14.90 1.92 34.81
CA LYS B 206 -13.62 1.52 34.23
C LYS B 206 -12.68 0.86 35.24
N ASP B 207 -11.78 0.03 34.73
CA ASP B 207 -10.63 -0.40 35.54
C ASP B 207 -9.50 0.64 35.38
N ASP B 208 -8.25 0.25 35.63
CA ASP B 208 -7.15 1.20 35.49
C ASP B 208 -6.63 1.33 34.06
N GLY B 209 -7.18 0.55 33.14
CA GLY B 209 -6.90 0.69 31.71
C GLY B 209 -5.53 0.26 31.20
N ILE B 210 -4.76 -0.40 32.07
CA ILE B 210 -3.41 -0.86 31.71
C ILE B 210 -3.46 -1.99 30.69
N THR B 211 -2.71 -1.78 29.62
CA THR B 211 -2.90 -2.48 28.38
C THR B 211 -1.63 -3.28 28.04
N VAL B 212 -0.49 -2.81 28.56
CA VAL B 212 0.77 -3.50 28.44
C VAL B 212 1.40 -3.50 29.82
N ASP B 213 1.91 -4.66 30.23
CA ASP B 213 2.61 -4.81 31.50
C ASP B 213 4.00 -5.46 31.31
N LYS B 214 5.05 -4.67 31.48
CA LYS B 214 6.42 -5.15 31.27
C LYS B 214 7.15 -5.41 32.59
N SER B 215 6.38 -5.69 33.65
CA SER B 215 6.90 -5.94 35.00
C SER B 215 7.96 -7.02 35.04
N ILE B 216 9.10 -6.72 35.67
CA ILE B 216 10.14 -7.71 35.86
C ILE B 216 10.00 -8.24 37.28
N HIS B 217 10.11 -9.57 37.42
CA HIS B 217 10.02 -10.24 38.71
C HIS B 217 10.91 -9.53 39.75
N GLY B 218 10.28 -9.04 40.81
CA GLY B 218 11.01 -8.42 41.93
C GLY B 218 11.15 -6.90 41.87
N TRP B 219 10.72 -6.31 40.76
CA TRP B 219 10.85 -4.89 40.54
C TRP B 219 9.57 -4.10 40.81
N ASP B 220 9.76 -2.93 41.43
CA ASP B 220 8.71 -1.96 41.69
C ASP B 220 8.80 -0.90 40.61
N ASN B 221 8.13 -1.11 39.49
CA ASN B 221 8.19 -0.10 38.47
C ASN B 221 6.81 0.38 37.93
N ASP B 222 6.51 1.67 38.16
CA ASP B 222 5.28 2.28 37.66
C ASP B 222 5.37 2.42 36.15
N LYS B 223 6.57 2.78 35.68
CA LYS B 223 6.89 2.89 34.26
C LYS B 223 6.61 1.64 33.39
N ALA B 224 6.51 0.46 34.01
CA ALA B 224 6.33 -0.80 33.28
C ALA B 224 4.86 -1.11 32.97
N LYS B 225 3.95 -0.42 33.64
CA LYS B 225 2.53 -0.56 33.36
C LYS B 225 2.02 0.59 32.47
N LYS B 226 1.54 0.26 31.28
CA LYS B 226 1.27 1.29 30.29
C LYS B 226 -0.11 1.18 29.63
N ARG B 227 -0.59 2.29 29.11
CA ARG B 227 -1.83 2.31 28.38
C ARG B 227 -1.52 2.81 26.97
N LEU B 228 -1.44 1.88 26.02
CA LEU B 228 -0.98 2.13 24.66
C LEU B 228 -2.05 1.90 23.63
N ASP B 229 -3.06 1.12 24.01
CA ASP B 229 -4.17 0.75 23.12
C ASP B 229 -5.37 1.56 23.53
N TYR B 230 -6.20 1.94 22.55
CA TYR B 230 -7.31 2.84 22.83
C TYR B 230 -8.49 2.52 21.95
N ILE B 231 -9.67 2.93 22.39
CA ILE B 231 -10.81 3.07 21.49
C ILE B 231 -11.29 4.52 21.49
N PHE B 232 -10.94 5.26 20.44
CA PHE B 232 -11.33 6.66 20.31
C PHE B 232 -12.61 6.84 19.51
N SER B 233 -13.24 8.00 19.66
CA SER B 233 -14.48 8.30 18.98
C SER B 233 -14.43 9.73 18.47
N ASN B 234 -14.98 10.01 17.30
CA ASN B 234 -14.95 11.39 16.82
C ASN B 234 -16.09 12.25 17.37
N LYS B 235 -16.94 11.67 18.23
CA LYS B 235 -18.04 12.37 18.90
C LYS B 235 -18.19 11.88 20.32
N GLU B 236 -18.84 12.69 21.16
CA GLU B 236 -19.18 12.24 22.50
C GLU B 236 -20.21 11.12 22.44
N LEU B 237 -20.10 10.14 23.33
CA LEU B 237 -21.04 9.02 23.36
C LEU B 237 -21.39 8.61 24.78
N LYS B 238 -22.53 7.97 24.95
CA LYS B 238 -22.83 7.31 26.23
C LYS B 238 -22.01 6.01 26.30
N VAL B 239 -20.89 6.06 27.02
CA VAL B 239 -20.05 4.88 27.18
C VAL B 239 -20.29 4.26 28.56
N LYS B 240 -20.72 3.01 28.55
CA LYS B 240 -21.19 2.34 29.76
C LYS B 240 -20.07 1.72 30.56
N GLU B 241 -19.10 1.14 29.86
CA GLU B 241 -18.04 0.37 30.49
C GLU B 241 -16.79 0.31 29.61
N SER B 242 -15.63 0.37 30.24
CA SER B 242 -14.37 0.14 29.53
C SER B 242 -13.45 -0.73 30.36
N LYS B 243 -13.28 -1.99 29.97
CA LYS B 243 -12.42 -2.91 30.71
C LYS B 243 -11.33 -3.51 29.84
N VAL B 244 -10.16 -3.71 30.44
CA VAL B 244 -9.13 -4.55 29.86
C VAL B 244 -9.56 -6.03 29.95
N ILE B 245 -9.20 -6.80 28.94
CA ILE B 245 -9.57 -8.20 28.87
C ILE B 245 -8.37 -9.00 28.38
N PHE B 246 -8.28 -10.26 28.79
CA PHE B 246 -7.14 -11.10 28.48
C PHE B 246 -5.89 -10.65 29.24
N ASN B 247 -6.04 -10.41 30.54
CA ASN B 247 -4.92 -9.98 31.38
C ASN B 247 -4.64 -10.90 32.60
N ASN B 248 -5.06 -12.17 32.48
CA ASN B 248 -5.02 -13.14 33.58
C ASN B 248 -5.83 -12.71 34.80
N LYS B 249 -6.82 -11.87 34.57
CA LYS B 249 -7.74 -11.38 35.60
C LYS B 249 -9.15 -11.40 35.04
N ASN B 250 -9.33 -10.76 33.91
CA ASN B 250 -10.53 -10.87 33.09
C ASN B 250 -10.13 -11.69 31.85
N LYS B 251 -10.17 -13.02 32.00
CA LYS B 251 -9.72 -13.98 30.96
C LYS B 251 -8.19 -14.10 30.84
N GLU B 252 -7.72 -15.26 30.34
CA GLU B 252 -6.28 -15.53 30.19
C GLU B 252 -5.57 -14.67 29.13
N ILE B 253 -4.28 -14.41 29.33
CA ILE B 253 -3.45 -13.64 28.38
C ILE B 253 -3.43 -14.31 27.01
N VAL B 254 -3.56 -13.53 25.93
CA VAL B 254 -3.47 -14.09 24.56
C VAL B 254 -2.40 -13.47 23.66
N SER B 255 -1.68 -12.46 24.16
CA SER B 255 -0.75 -11.70 23.34
C SER B 255 0.16 -10.89 24.25
N ASP B 256 1.15 -10.20 23.68
CA ASP B 256 1.98 -9.31 24.49
C ASP B 256 1.28 -7.99 24.81
N HIS B 257 0.03 -7.86 24.39
CA HIS B 257 -0.83 -6.75 24.81
C HIS B 257 -2.11 -7.35 25.39
N PHE B 258 -2.74 -6.69 26.34
CA PHE B 258 -4.10 -7.09 26.65
C PHE B 258 -5.06 -6.39 25.71
N GLY B 259 -6.29 -6.87 25.62
CA GLY B 259 -7.30 -6.23 24.79
C GLY B 259 -8.12 -5.25 25.59
N ILE B 260 -8.96 -4.47 24.91
CA ILE B 260 -9.89 -3.56 25.56
C ILE B 260 -11.26 -3.87 25.02
N GLU B 261 -12.21 -3.98 25.93
CA GLU B 261 -13.56 -4.40 25.69
C GLU B 261 -14.41 -3.19 26.11
N VAL B 262 -15.26 -2.67 25.23
CA VAL B 262 -16.02 -1.43 25.51
C VAL B 262 -17.49 -1.55 25.13
N LYS B 263 -18.35 -1.06 26.01
CA LYS B 263 -19.80 -1.08 25.79
C LYS B 263 -20.38 0.34 25.56
N ILE B 264 -21.09 0.52 24.44
CA ILE B 264 -21.60 1.81 24.01
C ILE B 264 -23.11 1.76 23.95
N GLU B 265 -23.75 2.80 24.47
CA GLU B 265 -25.20 2.93 24.36
C GLU B 265 -25.50 4.08 23.38
N PHE B 266 -26.73 4.12 22.86
CA PHE B 266 -27.04 5.11 21.83
C PHE B 266 -28.25 6.02 22.10
#